data_5JO9
#
_entry.id   5JO9
#
_cell.length_a   100.879
_cell.length_b   100.879
_cell.length_c   88.600
_cell.angle_alpha   90.00
_cell.angle_beta   90.00
_cell.angle_gamma   120.00
#
_symmetry.space_group_name_H-M   'P 62 2 2'
#
loop_
_entity.id
_entity.type
_entity.pdbx_description
1 polymer 'Ribitol 2-dehydrogenase'
2 non-polymer 'PHOSPHATE ION'
3 non-polymer sorbitol
#
_entity_poly.entity_id   1
_entity_poly.type   'polypeptide(L)'
_entity_poly.pdbx_seq_one_letter_code
;MARELEGKVAAVTGAASGIGLASAEAMLAAGARVVMVDRDEAALKALCNKHGDTVIPLVVDLLDPEDCATLLPRVLEKAC
QLDILHANAGTYVGGDLVDADTMAIDRMLNLNVNVVMKNVHDVLPHMIERRTGDIIVTSSLAAHFPTPWEPVYASSKWAI
NCFVQTVRRQVFKHGIRVGSISPGPVVSALLADWPPEKLKEARDSGSLLEASDVAEVVMFMLTRPRGMTIRDVLMLPTNF
DL
;
_entity_poly.pdbx_strand_id   A
#
# COMPACT_ATOMS: atom_id res chain seq x y z
N GLU A 4 6.15 -16.22 12.99
CA GLU A 4 7.27 -15.63 12.26
C GLU A 4 6.96 -15.56 10.77
N LEU A 5 7.81 -14.83 10.05
CA LEU A 5 7.78 -14.80 8.59
C LEU A 5 8.94 -15.57 7.99
N GLU A 6 9.41 -16.59 8.72
CA GLU A 6 10.45 -17.52 8.25
C GLU A 6 11.50 -16.80 7.42
N GLY A 7 11.83 -17.32 6.25
CA GLY A 7 12.74 -16.65 5.34
C GLY A 7 12.03 -16.11 4.12
N LYS A 8 10.84 -15.56 4.33
CA LYS A 8 10.05 -15.02 3.24
C LYS A 8 10.51 -13.61 2.91
N VAL A 9 10.26 -13.20 1.67
CA VAL A 9 10.63 -11.87 1.20
C VAL A 9 9.36 -11.12 0.83
N ALA A 10 9.38 -9.81 1.08
CA ALA A 10 8.23 -8.95 0.81
C ALA A 10 8.71 -7.66 0.16
N ALA A 11 7.83 -7.07 -0.64
CA ALA A 11 8.10 -5.79 -1.29
C ALA A 11 7.01 -4.80 -0.90
N VAL A 12 7.41 -3.55 -0.67
CA VAL A 12 6.52 -2.51 -0.17
C VAL A 12 6.76 -1.24 -0.98
N THR A 13 5.74 -0.79 -1.69
CA THR A 13 5.82 0.43 -2.47
C THR A 13 5.44 1.62 -1.60
N GLY A 14 6.15 2.74 -1.77
CA GLY A 14 6.00 3.84 -0.85
C GLY A 14 6.47 3.53 0.54
N ALA A 15 7.37 2.54 0.68
CA ALA A 15 7.87 2.12 1.99
C ALA A 15 8.74 3.17 2.65
N ALA A 16 9.16 4.21 1.93
CA ALA A 16 10.03 5.22 2.50
C ALA A 16 9.35 6.06 3.57
N SER A 17 8.03 5.97 3.72
CA SER A 17 7.34 6.84 4.67
C SER A 17 5.90 6.40 4.81
N GLY A 18 5.34 6.67 5.99
CA GLY A 18 3.92 6.47 6.22
C GLY A 18 3.53 5.03 6.48
N ILE A 19 2.40 4.61 5.89
CA ILE A 19 1.92 3.25 6.11
C ILE A 19 2.90 2.24 5.53
N GLY A 20 3.39 2.50 4.31
CA GLY A 20 4.41 1.63 3.73
C GLY A 20 5.61 1.48 4.64
N LEU A 21 5.99 2.57 5.32
CA LEU A 21 7.11 2.51 6.25
C LEU A 21 6.77 1.64 7.45
N ALA A 22 5.61 1.86 8.05
CA ALA A 22 5.20 1.04 9.19
C ALA A 22 5.06 -0.43 8.80
N SER A 23 4.51 -0.67 7.60
CA SER A 23 4.33 -2.05 7.15
C SER A 23 5.66 -2.75 6.95
N ALA A 24 6.63 -2.07 6.34
CA ALA A 24 7.94 -2.66 6.13
C ALA A 24 8.61 -3.00 7.45
N GLU A 25 8.55 -2.08 8.41
CA GLU A 25 9.22 -2.30 9.70
C GLU A 25 8.58 -3.47 10.45
N ALA A 26 7.26 -3.62 10.33
CA ALA A 26 6.58 -4.69 11.06
C ALA A 26 6.91 -6.06 10.46
N MET A 27 7.01 -6.14 9.14
CA MET A 27 7.44 -7.38 8.50
C MET A 27 8.83 -7.78 8.97
N LEU A 28 9.77 -6.82 8.96
CA LEU A 28 11.12 -7.09 9.42
C LEU A 28 11.11 -7.72 10.81
N ALA A 29 10.29 -7.19 11.72
CA ALA A 29 10.23 -7.73 13.07
C ALA A 29 9.85 -9.20 13.06
N ALA A 30 8.84 -9.57 12.25
CA ALA A 30 8.39 -10.95 12.21
C ALA A 30 9.42 -11.89 11.60
N GLY A 31 10.48 -11.37 10.99
CA GLY A 31 11.52 -12.21 10.42
C GLY A 31 11.41 -12.34 8.91
N ALA A 32 11.82 -11.29 8.20
CA ALA A 32 11.73 -11.31 6.75
C ALA A 32 12.69 -10.27 6.17
N ARG A 33 13.18 -10.55 4.98
CA ARG A 33 13.84 -9.53 4.17
C ARG A 33 12.75 -8.71 3.49
N VAL A 34 12.89 -7.38 3.51
CA VAL A 34 11.89 -6.48 2.95
C VAL A 34 12.59 -5.53 1.98
N VAL A 35 12.03 -5.40 0.78
CA VAL A 35 12.54 -4.50 -0.25
C VAL A 35 11.71 -3.22 -0.17
N MET A 36 12.31 -2.14 0.34
CA MET A 36 11.62 -0.86 0.41
C MET A 36 11.76 -0.13 -0.91
N VAL A 37 10.63 0.32 -1.46
CA VAL A 37 10.57 0.96 -2.77
C VAL A 37 10.00 2.36 -2.61
N ASP A 38 10.71 3.35 -3.14
CA ASP A 38 10.21 4.71 -3.14
C ASP A 38 11.14 5.57 -4.01
N ARG A 39 10.67 6.78 -4.31
CA ARG A 39 11.42 7.73 -5.13
C ARG A 39 12.54 8.41 -4.38
N ASP A 40 12.48 8.46 -3.05
CA ASP A 40 13.37 9.27 -2.24
C ASP A 40 14.50 8.39 -1.72
N GLU A 41 15.62 8.38 -2.45
CA GLU A 41 16.78 7.59 -2.02
C GLU A 41 17.38 8.15 -0.74
N ALA A 42 17.46 9.48 -0.62
CA ALA A 42 18.00 10.08 0.60
C ALA A 42 17.21 9.64 1.82
N ALA A 43 15.89 9.56 1.71
CA ALA A 43 15.09 9.01 2.79
C ALA A 43 15.40 7.54 3.02
N LEU A 44 15.56 6.77 1.94
CA LEU A 44 15.87 5.35 2.09
C LEU A 44 17.23 5.15 2.75
N LYS A 45 18.25 5.88 2.28
CA LYS A 45 19.61 5.71 2.78
C LYS A 45 19.65 5.58 4.29
N ALA A 46 19.04 6.53 5.01
CA ALA A 46 19.05 6.48 6.47
C ALA A 46 18.43 5.19 6.99
N LEU A 47 17.56 4.56 6.22
CA LEU A 47 16.95 3.30 6.66
C LEU A 47 17.85 2.10 6.35
N CYS A 48 18.65 2.18 5.29
CA CYS A 48 19.44 1.03 4.87
C CYS A 48 20.52 0.64 5.87
N ASN A 49 20.98 1.58 6.70
CA ASN A 49 22.07 1.30 7.62
C ASN A 49 21.57 1.02 9.04
N LYS A 50 20.81 1.94 9.63
CA LYS A 50 20.27 1.69 10.96
C LYS A 50 19.29 0.53 10.98
N HIS A 51 18.84 0.07 9.82
CA HIS A 51 18.28 -1.27 9.64
C HIS A 51 19.29 -2.08 8.85
N GLY A 52 19.81 -3.15 9.44
CA GLY A 52 20.98 -3.82 8.95
C GLY A 52 20.68 -5.04 8.10
N ASP A 53 21.21 -5.03 6.88
CA ASP A 53 21.25 -6.23 6.03
C ASP A 53 19.88 -6.61 5.49
N THR A 54 18.90 -6.77 6.37
CA THR A 54 17.58 -7.24 5.95
C THR A 54 16.78 -6.18 5.20
N VAL A 55 17.23 -4.93 5.19
CA VAL A 55 16.57 -3.87 4.46
C VAL A 55 17.27 -3.69 3.12
N ILE A 56 16.54 -3.94 2.04
CA ILE A 56 17.04 -3.82 0.68
C ILE A 56 16.35 -2.61 0.05
N PRO A 57 17.08 -1.59 -0.39
CA PRO A 57 16.44 -0.47 -1.08
C PRO A 57 16.30 -0.71 -2.57
N LEU A 58 15.28 -0.05 -3.13
CA LEU A 58 15.06 -0.12 -4.57
C LEU A 58 14.43 1.20 -5.00
N VAL A 59 15.19 2.02 -5.69
CA VAL A 59 14.74 3.34 -6.14
C VAL A 59 13.99 3.18 -7.45
N VAL A 60 12.70 3.51 -7.44
CA VAL A 60 11.85 3.41 -8.61
C VAL A 60 10.88 4.58 -8.60
N ASP A 61 10.96 5.43 -9.63
CA ASP A 61 9.99 6.51 -9.76
C ASP A 61 8.57 5.98 -9.71
N LEU A 62 8.34 4.83 -10.34
CA LEU A 62 7.03 4.16 -10.38
C LEU A 62 6.01 4.96 -11.18
N LEU A 63 6.35 6.16 -11.64
CA LEU A 63 5.51 6.91 -12.55
C LEU A 63 6.17 7.02 -13.93
N ASP A 64 7.10 6.13 -14.23
CA ASP A 64 7.62 5.94 -15.58
C ASP A 64 7.26 4.53 -16.00
N PRO A 65 6.53 4.32 -17.10
CA PRO A 65 6.26 2.94 -17.54
C PRO A 65 7.50 2.07 -17.59
N GLU A 66 8.65 2.65 -17.96
CA GLU A 66 9.90 1.89 -17.95
C GLU A 66 10.31 1.52 -16.53
N ASP A 67 10.03 2.37 -15.55
CA ASP A 67 10.44 2.09 -14.18
C ASP A 67 9.53 1.05 -13.52
N CYS A 68 8.21 1.13 -13.78
CA CYS A 68 7.30 0.15 -13.19
C CYS A 68 7.71 -1.26 -13.58
N ALA A 69 8.15 -1.45 -14.83
CA ALA A 69 8.57 -2.77 -15.27
C ALA A 69 9.92 -3.16 -14.67
N THR A 70 10.78 -2.19 -14.34
CA THR A 70 12.00 -2.51 -13.61
C THR A 70 11.67 -3.27 -12.34
N LEU A 71 10.58 -2.88 -11.69
CA LEU A 71 10.24 -3.40 -10.38
C LEU A 71 10.47 -4.90 -10.28
N LEU A 72 9.66 -5.70 -10.96
CA LEU A 72 9.60 -7.13 -10.70
C LEU A 72 10.98 -7.79 -10.73
N PRO A 73 11.70 -7.77 -11.86
CA PRO A 73 12.94 -8.55 -11.95
C PRO A 73 13.97 -8.12 -10.91
N ARG A 74 14.00 -6.81 -10.66
CA ARG A 74 14.91 -6.21 -9.70
C ARG A 74 14.71 -6.79 -8.31
N VAL A 75 13.46 -7.01 -7.91
CA VAL A 75 13.19 -7.69 -6.63
C VAL A 75 13.86 -9.05 -6.64
N LEU A 76 13.55 -9.86 -7.64
CA LEU A 76 14.16 -11.17 -7.75
C LEU A 76 15.67 -11.07 -7.94
N GLU A 77 16.13 -10.02 -8.61
CA GLU A 77 17.57 -9.77 -8.71
C GLU A 77 18.17 -9.51 -7.32
N LYS A 78 17.60 -8.54 -6.59
CA LYS A 78 18.23 -8.09 -5.36
C LYS A 78 18.15 -9.12 -4.25
N ALA A 79 17.08 -9.91 -4.20
CA ALA A 79 16.88 -10.82 -3.07
C ALA A 79 16.18 -12.12 -3.44
N CYS A 80 15.35 -12.11 -4.48
CA CYS A 80 14.52 -13.27 -4.79
C CYS A 80 13.65 -13.70 -3.63
N GLN A 81 12.95 -14.82 -3.79
CA GLN A 81 12.15 -15.42 -2.73
C GLN A 81 10.93 -14.57 -2.44
N LEU A 82 10.37 -13.93 -3.47
CA LEU A 82 9.20 -13.06 -3.28
C LEU A 82 7.98 -13.89 -2.92
N ASP A 83 7.39 -13.61 -1.76
CA ASP A 83 6.14 -14.22 -1.34
C ASP A 83 5.06 -13.21 -1.02
N ILE A 84 5.39 -11.93 -0.91
CA ILE A 84 4.44 -10.89 -0.51
C ILE A 84 4.70 -9.64 -1.34
N LEU A 85 3.61 -9.00 -1.76
CA LEU A 85 3.65 -7.65 -2.34
C LEU A 85 2.66 -6.78 -1.58
N HIS A 86 3.10 -5.56 -1.26
CA HIS A 86 2.24 -4.58 -0.61
C HIS A 86 2.29 -3.29 -1.43
N ALA A 87 1.22 -3.01 -2.17
CA ALA A 87 1.12 -1.79 -2.97
C ALA A 87 0.52 -0.70 -2.10
N ASN A 88 1.39 -0.07 -1.30
CA ASN A 88 0.99 1.04 -0.45
C ASN A 88 1.14 2.39 -1.12
N ALA A 89 1.93 2.49 -2.19
CA ALA A 89 2.16 3.76 -2.87
C ALA A 89 0.84 4.44 -3.20
N GLY A 90 0.70 5.67 -2.73
CA GLY A 90 -0.50 6.45 -2.99
C GLY A 90 -0.28 7.89 -2.66
N THR A 91 -1.17 8.74 -3.16
CA THR A 91 -1.11 10.18 -2.93
C THR A 91 -2.51 10.65 -2.60
N TYR A 92 -2.69 11.98 -2.56
CA TYR A 92 -3.97 12.57 -2.18
C TYR A 92 -4.24 13.82 -3.00
N VAL A 93 -5.50 14.02 -3.35
CA VAL A 93 -6.00 15.26 -3.95
C VAL A 93 -7.39 15.50 -3.39
N GLY A 94 -7.57 16.60 -2.68
CA GLY A 94 -8.83 16.91 -2.03
C GLY A 94 -9.33 18.29 -2.42
N GLY A 95 -10.50 18.62 -1.89
CA GLY A 95 -11.15 19.87 -2.21
C GLY A 95 -12.11 19.70 -3.37
N ASP A 96 -12.48 20.84 -3.94
CA ASP A 96 -13.34 20.82 -5.11
C ASP A 96 -12.55 20.35 -6.34
N LEU A 97 -13.29 20.00 -7.39
CA LEU A 97 -12.66 19.49 -8.60
C LEU A 97 -12.01 20.63 -9.38
N VAL A 98 -12.78 21.66 -9.72
CA VAL A 98 -12.15 22.91 -10.05
C VAL A 98 -11.27 23.33 -8.88
N ASP A 99 -10.38 24.28 -9.14
CA ASP A 99 -9.34 24.70 -8.20
C ASP A 99 -8.24 23.65 -8.07
N ALA A 100 -8.33 22.53 -8.77
CA ALA A 100 -7.29 21.53 -8.82
C ALA A 100 -6.72 21.46 -10.24
N ASP A 101 -5.45 21.11 -10.33
CA ASP A 101 -4.76 21.11 -11.61
C ASP A 101 -5.00 19.79 -12.35
N THR A 102 -4.99 19.85 -13.67
CA THR A 102 -5.08 18.59 -14.38
C THR A 102 -3.91 17.68 -14.02
N MET A 103 -2.79 18.25 -13.57
CA MET A 103 -1.55 17.50 -13.49
C MET A 103 -1.54 16.50 -12.34
N ALA A 104 -1.61 17.00 -11.10
CA ALA A 104 -1.55 16.10 -9.95
C ALA A 104 -2.53 14.95 -10.10
N ILE A 105 -3.74 15.27 -10.53
CA ILE A 105 -4.80 14.33 -10.86
C ILE A 105 -4.18 13.16 -11.60
N ASP A 106 -3.88 13.36 -12.89
CA ASP A 106 -3.20 12.34 -13.69
C ASP A 106 -2.16 11.58 -12.87
N ARG A 107 -1.24 12.33 -12.26
CA ARG A 107 -0.20 11.70 -11.45
C ARG A 107 -0.79 10.83 -10.36
N MET A 108 -1.91 11.27 -9.77
CA MET A 108 -2.49 10.54 -8.65
C MET A 108 -3.16 9.26 -9.12
N LEU A 109 -4.13 9.37 -10.03
CA LEU A 109 -4.82 8.19 -10.52
C LEU A 109 -3.84 7.17 -11.07
N ASN A 110 -2.82 7.63 -11.78
CA ASN A 110 -1.82 6.70 -12.32
C ASN A 110 -1.10 5.96 -11.20
N LEU A 111 -0.77 6.67 -10.11
CA LEU A 111 -0.09 6.01 -9.00
C LEU A 111 -1.04 5.21 -8.15
N ASN A 112 -2.27 5.71 -7.94
CA ASN A 112 -3.23 5.03 -7.08
C ASN A 112 -3.98 3.93 -7.79
N VAL A 113 -3.95 3.89 -9.13
CA VAL A 113 -4.71 2.89 -9.87
C VAL A 113 -3.82 2.20 -10.89
N ASN A 114 -3.33 2.95 -11.88
CA ASN A 114 -2.52 2.35 -12.93
C ASN A 114 -1.31 1.61 -12.34
N VAL A 115 -0.53 2.29 -11.51
CA VAL A 115 0.68 1.69 -10.96
C VAL A 115 0.34 0.45 -10.14
N VAL A 116 -0.68 0.56 -9.27
CA VAL A 116 -1.06 -0.57 -8.43
C VAL A 116 -1.34 -1.79 -9.30
N MET A 117 -2.17 -1.62 -10.33
CA MET A 117 -2.51 -2.74 -11.20
C MET A 117 -1.27 -3.31 -11.87
N LYS A 118 -0.50 -2.46 -12.54
CA LYS A 118 0.69 -2.91 -13.27
C LYS A 118 1.60 -3.71 -12.36
N ASN A 119 1.85 -3.20 -11.15
CA ASN A 119 2.68 -3.92 -10.19
C ASN A 119 2.12 -5.33 -9.96
N VAL A 120 0.84 -5.42 -9.61
CA VAL A 120 0.22 -6.73 -9.42
C VAL A 120 0.36 -7.58 -10.68
N HIS A 121 0.04 -7.00 -11.84
CA HIS A 121 0.13 -7.74 -13.10
C HIS A 121 1.51 -8.33 -13.31
N ASP A 122 2.55 -7.58 -12.92
CA ASP A 122 3.92 -7.98 -13.25
C ASP A 122 4.51 -8.98 -12.26
N VAL A 123 3.99 -9.07 -11.04
CA VAL A 123 4.55 -9.96 -10.03
C VAL A 123 3.77 -11.27 -9.92
N LEU A 124 2.66 -11.41 -10.63
CA LEU A 124 1.78 -12.55 -10.43
C LEU A 124 2.37 -13.80 -11.08
N PRO A 125 2.87 -13.72 -12.33
CA PRO A 125 3.49 -14.90 -12.95
C PRO A 125 4.41 -15.67 -12.02
N HIS A 126 5.26 -14.95 -11.28
CA HIS A 126 6.17 -15.62 -10.33
C HIS A 126 5.37 -16.48 -9.34
N MET A 127 4.34 -15.90 -8.73
CA MET A 127 3.62 -16.61 -7.69
C MET A 127 2.85 -17.80 -8.26
N ILE A 128 2.43 -17.72 -9.52
CA ILE A 128 1.65 -18.82 -10.11
C ILE A 128 2.53 -20.03 -10.36
N GLU A 129 3.75 -19.81 -10.86
CA GLU A 129 4.73 -20.90 -10.94
C GLU A 129 5.05 -21.43 -9.55
N ARG A 130 5.40 -20.52 -8.64
CA ARG A 130 5.83 -20.91 -7.30
C ARG A 130 4.68 -21.43 -6.44
N ARG A 131 3.44 -21.12 -6.81
CA ARG A 131 2.25 -21.41 -6.02
C ARG A 131 2.01 -20.30 -5.00
N THR A 132 2.53 -20.46 -3.79
CA THR A 132 2.20 -19.56 -2.68
C THR A 132 2.48 -18.12 -3.07
N GLY A 133 1.48 -17.27 -2.89
CA GLY A 133 1.64 -15.84 -3.08
C GLY A 133 0.72 -15.10 -2.12
N ASP A 134 1.10 -13.87 -1.80
CA ASP A 134 0.31 -13.01 -0.93
C ASP A 134 0.40 -11.58 -1.43
N ILE A 135 -0.75 -10.92 -1.52
CA ILE A 135 -0.82 -9.54 -2.02
C ILE A 135 -1.75 -8.75 -1.12
N ILE A 136 -1.29 -7.57 -0.70
CA ILE A 136 -2.09 -6.65 0.11
C ILE A 136 -2.00 -5.28 -0.54
N VAL A 137 -3.16 -4.67 -0.80
CA VAL A 137 -3.24 -3.34 -1.36
C VAL A 137 -3.69 -2.38 -0.27
N THR A 138 -3.09 -1.20 -0.23
CA THR A 138 -3.50 -0.18 0.72
C THR A 138 -4.68 0.58 0.12
N SER A 139 -5.88 0.29 0.59
CA SER A 139 -7.08 1.01 0.18
C SER A 139 -7.36 2.15 1.14
N SER A 140 -8.63 2.46 1.36
CA SER A 140 -8.99 3.50 2.31
C SER A 140 -10.46 3.38 2.66
N LEU A 141 -10.83 4.05 3.76
CA LEU A 141 -12.24 4.19 4.11
C LEU A 141 -13.03 4.81 2.96
N ALA A 142 -12.38 5.65 2.15
CA ALA A 142 -13.04 6.26 1.01
C ALA A 142 -13.45 5.22 -0.05
N ALA A 143 -12.88 4.01 0.03
CA ALA A 143 -13.31 2.95 -0.87
C ALA A 143 -14.74 2.50 -0.60
N HIS A 144 -15.28 2.82 0.57
CA HIS A 144 -16.63 2.40 0.96
C HIS A 144 -17.51 3.59 1.34
N PHE A 145 -17.19 4.78 0.83
CA PHE A 145 -17.99 5.96 1.09
C PHE A 145 -17.77 6.96 -0.03
N PRO A 146 -18.84 7.70 -0.50
CA PRO A 146 -18.66 8.79 -1.49
C PRO A 146 -18.36 10.13 -0.81
N THR A 147 -17.14 10.23 -0.29
CA THR A 147 -16.72 11.43 0.43
C THR A 147 -16.83 12.65 -0.48
N PRO A 148 -17.70 13.62 -0.16
CA PRO A 148 -17.89 14.76 -1.08
C PRO A 148 -16.66 15.63 -1.29
N TRP A 149 -15.70 15.64 -0.36
CA TRP A 149 -14.60 16.59 -0.43
C TRP A 149 -13.33 16.03 -1.06
N GLU A 150 -13.33 14.78 -1.49
CA GLU A 150 -12.19 14.19 -2.20
C GLU A 150 -12.71 13.35 -3.35
N PRO A 151 -13.22 14.01 -4.40
CA PRO A 151 -13.79 13.24 -5.53
C PRO A 151 -12.78 12.40 -6.27
N VAL A 152 -11.57 12.93 -6.47
CA VAL A 152 -10.55 12.23 -7.24
C VAL A 152 -9.93 11.10 -6.42
N TYR A 153 -9.84 11.28 -5.10
CA TYR A 153 -9.21 10.28 -4.25
C TYR A 153 -10.14 9.10 -3.97
N ALA A 154 -11.38 9.39 -3.56
CA ALA A 154 -12.32 8.32 -3.24
C ALA A 154 -12.55 7.43 -4.45
N SER A 155 -12.76 8.04 -5.63
CA SER A 155 -13.03 7.26 -6.83
C SER A 155 -11.91 6.27 -7.10
N SER A 156 -10.66 6.70 -6.94
CA SER A 156 -9.53 5.78 -7.13
C SER A 156 -9.64 4.60 -6.18
N LYS A 157 -10.10 4.83 -4.96
CA LYS A 157 -10.22 3.75 -4.00
C LYS A 157 -11.41 2.84 -4.30
N TRP A 158 -12.47 3.39 -4.89
CA TRP A 158 -13.56 2.53 -5.36
C TRP A 158 -13.06 1.57 -6.44
N ALA A 159 -12.21 2.07 -7.35
CA ALA A 159 -11.58 1.18 -8.32
C ALA A 159 -10.77 0.10 -7.62
N ILE A 160 -10.03 0.47 -6.57
CA ILE A 160 -9.24 -0.51 -5.83
C ILE A 160 -10.15 -1.56 -5.21
N ASN A 161 -11.29 -1.13 -4.64
CA ASN A 161 -12.20 -2.08 -4.03
C ASN A 161 -12.61 -3.15 -5.02
N CYS A 162 -13.10 -2.74 -6.19
CA CYS A 162 -13.46 -3.71 -7.24
C CYS A 162 -12.25 -4.56 -7.62
N PHE A 163 -11.16 -3.90 -8.00
CA PHE A 163 -9.99 -4.61 -8.54
C PHE A 163 -9.55 -5.75 -7.63
N VAL A 164 -9.50 -5.50 -6.31
CA VAL A 164 -8.95 -6.48 -5.39
C VAL A 164 -9.84 -7.73 -5.34
N GLN A 165 -11.12 -7.55 -5.03
CA GLN A 165 -11.99 -8.71 -4.87
C GLN A 165 -12.22 -9.43 -6.19
N THR A 166 -12.14 -8.70 -7.31
CA THR A 166 -12.38 -9.33 -8.60
C THR A 166 -11.14 -10.06 -9.10
N VAL A 167 -9.96 -9.51 -8.87
CA VAL A 167 -8.73 -10.15 -9.36
C VAL A 167 -8.47 -11.44 -8.60
N ARG A 168 -8.76 -11.46 -7.30
CA ARG A 168 -8.51 -12.67 -6.51
C ARG A 168 -9.37 -13.83 -6.97
N ARG A 169 -10.51 -13.57 -7.60
CA ARG A 169 -11.37 -14.64 -8.08
C ARG A 169 -10.74 -15.42 -9.22
N GLN A 170 -9.74 -14.87 -9.90
CA GLN A 170 -9.11 -15.52 -11.04
C GLN A 170 -7.66 -15.90 -10.74
N VAL A 171 -7.30 -16.04 -9.47
CA VAL A 171 -5.92 -16.35 -9.09
C VAL A 171 -5.89 -17.32 -7.92
N PHE A 172 -6.97 -17.38 -7.14
CA PHE A 172 -6.95 -18.18 -5.91
C PHE A 172 -6.72 -19.66 -6.19
N LYS A 173 -6.99 -20.13 -7.41
CA LYS A 173 -6.73 -21.53 -7.74
C LYS A 173 -5.25 -21.86 -7.75
N HIS A 174 -4.37 -20.85 -7.70
CA HIS A 174 -2.93 -21.05 -7.73
C HIS A 174 -2.29 -20.85 -6.36
N GLY A 175 -3.07 -20.95 -5.29
CA GLY A 175 -2.54 -20.81 -3.95
C GLY A 175 -2.13 -19.39 -3.59
N ILE A 176 -2.95 -18.41 -3.93
CA ILE A 176 -2.62 -17.01 -3.71
C ILE A 176 -3.72 -16.35 -2.90
N ARG A 177 -3.34 -15.39 -2.06
CA ARG A 177 -4.27 -14.60 -1.27
C ARG A 177 -4.13 -13.13 -1.64
N VAL A 178 -5.26 -12.46 -1.79
CA VAL A 178 -5.30 -11.05 -2.15
C VAL A 178 -6.28 -10.35 -1.22
N GLY A 179 -5.93 -9.15 -0.78
CA GLY A 179 -6.78 -8.39 0.11
C GLY A 179 -6.31 -6.95 0.16
N SER A 180 -6.98 -6.16 0.99
CA SER A 180 -6.61 -4.75 1.14
C SER A 180 -6.97 -4.29 2.55
N ILE A 181 -6.47 -3.11 2.90
CA ILE A 181 -6.78 -2.44 4.15
C ILE A 181 -7.43 -1.11 3.82
N SER A 182 -8.55 -0.82 4.46
CA SER A 182 -9.33 0.40 4.20
C SER A 182 -9.35 1.24 5.46
N PRO A 183 -8.26 1.95 5.76
CA PRO A 183 -8.21 2.77 6.98
C PRO A 183 -8.77 4.17 6.79
N GLY A 184 -9.30 4.72 7.89
CA GLY A 184 -9.70 6.09 7.93
C GLY A 184 -8.50 7.01 7.81
N PRO A 185 -8.61 8.25 8.27
CA PRO A 185 -7.46 9.15 8.23
C PRO A 185 -6.38 8.70 9.21
N VAL A 186 -5.13 8.85 8.77
CA VAL A 186 -3.98 8.44 9.57
C VAL A 186 -2.93 9.54 9.48
N VAL A 187 -2.20 9.71 10.59
CA VAL A 187 -1.09 10.66 10.66
C VAL A 187 -0.18 10.42 9.46
N SER A 188 0.01 11.46 8.65
CA SER A 188 0.86 11.32 7.47
C SER A 188 1.15 12.70 6.92
N ALA A 189 2.29 12.82 6.24
CA ALA A 189 2.59 14.05 5.52
C ALA A 189 1.47 14.38 4.54
N LEU A 190 0.73 13.37 4.09
CA LEU A 190 -0.43 13.58 3.25
C LEU A 190 -1.53 14.37 3.95
N LEU A 191 -1.44 14.56 5.26
CA LEU A 191 -2.45 15.34 5.96
C LEU A 191 -2.40 16.80 5.56
N ALA A 192 -1.25 17.27 5.07
CA ALA A 192 -1.15 18.64 4.56
C ALA A 192 -1.94 18.83 3.28
N ASP A 193 -2.19 17.75 2.54
CA ASP A 193 -2.91 17.82 1.27
C ASP A 193 -4.42 17.86 1.43
N TRP A 194 -4.91 17.96 2.66
CA TRP A 194 -6.35 17.93 2.89
C TRP A 194 -6.97 19.30 2.64
N PRO A 195 -8.25 19.34 2.33
CA PRO A 195 -8.98 20.60 2.32
C PRO A 195 -9.38 20.99 3.72
N PRO A 196 -9.91 22.20 3.93
CA PRO A 196 -10.45 22.53 5.26
C PRO A 196 -11.77 21.86 5.53
N GLU A 197 -12.45 21.32 4.50
CA GLU A 197 -13.63 20.51 4.76
C GLU A 197 -13.23 19.35 5.65
N LYS A 198 -13.76 19.33 6.86
CA LYS A 198 -13.35 18.39 7.89
C LYS A 198 -11.89 18.74 8.16
N LEU A 199 -10.97 17.78 8.25
CA LEU A 199 -9.69 18.11 8.86
C LEU A 199 -9.98 18.61 10.27
N LYS A 200 -10.66 19.75 10.38
CA LYS A 200 -11.35 20.16 11.60
C LYS A 200 -11.96 18.97 12.33
N GLU A 201 -12.53 18.02 11.57
CA GLU A 201 -12.94 16.76 12.17
C GLU A 201 -11.74 16.02 12.73
N ALA A 202 -10.66 15.96 11.95
CA ALA A 202 -9.45 15.23 12.33
C ALA A 202 -8.77 15.84 13.55
N ARG A 203 -9.30 16.97 14.05
CA ARG A 203 -8.85 17.46 15.35
C ARG A 203 -9.36 16.63 16.51
N ASP A 204 -9.91 15.45 16.25
CA ASP A 204 -10.45 14.61 17.32
C ASP A 204 -9.36 14.31 18.33
N SER A 205 -9.56 14.76 19.57
CA SER A 205 -8.72 14.26 20.65
C SER A 205 -8.68 12.74 20.73
N GLY A 206 -9.57 12.05 20.01
CA GLY A 206 -9.39 10.64 19.69
C GLY A 206 -8.25 10.46 18.70
N SER A 207 -7.06 10.85 19.14
CA SER A 207 -5.79 10.87 18.39
C SER A 207 -5.78 10.22 17.01
N LEU A 208 -6.79 10.43 16.18
CA LEU A 208 -6.73 9.96 14.79
C LEU A 208 -6.33 8.48 14.82
N LEU A 209 -5.69 8.00 13.75
CA LEU A 209 -5.15 6.66 13.64
C LEU A 209 -3.64 6.72 13.50
N GLU A 210 -2.95 5.86 14.26
CA GLU A 210 -1.50 5.77 14.20
C GLU A 210 -1.10 4.72 13.17
N ALA A 211 -0.14 5.06 12.31
CA ALA A 211 0.24 4.15 11.23
C ALA A 211 0.82 2.84 11.75
N SER A 212 1.30 2.81 13.00
CA SER A 212 1.79 1.56 13.57
C SER A 212 0.65 0.59 13.87
N ASP A 213 -0.56 1.10 14.06
CA ASP A 213 -1.69 0.24 14.40
C ASP A 213 -2.18 -0.55 13.18
N VAL A 214 -2.18 0.07 12.00
CA VAL A 214 -2.65 -0.63 10.81
C VAL A 214 -1.68 -1.75 10.45
N ALA A 215 -0.39 -1.56 10.74
CA ALA A 215 0.60 -2.58 10.40
C ALA A 215 0.29 -3.90 11.11
N GLU A 216 -0.16 -3.82 12.37
CA GLU A 216 -0.54 -5.04 13.07
C GLU A 216 -1.70 -5.72 12.38
N VAL A 217 -2.63 -4.95 11.82
CA VAL A 217 -3.71 -5.55 11.03
C VAL A 217 -3.13 -6.26 9.81
N VAL A 218 -2.16 -5.64 9.15
CA VAL A 218 -1.51 -6.26 8.00
C VAL A 218 -0.90 -7.60 8.40
N MET A 219 -0.21 -7.62 9.54
CA MET A 219 0.34 -8.88 10.04
C MET A 219 -0.76 -9.90 10.27
N PHE A 220 -1.83 -9.48 10.95
CA PHE A 220 -2.96 -10.39 11.17
C PHE A 220 -3.51 -10.91 9.85
N MET A 221 -3.49 -10.10 8.80
CA MET A 221 -3.91 -10.57 7.48
C MET A 221 -2.92 -11.59 6.93
N LEU A 222 -1.63 -11.25 6.94
CA LEU A 222 -0.61 -12.19 6.50
C LEU A 222 -0.57 -13.42 7.40
N THR A 223 -0.34 -13.21 8.69
CA THR A 223 -0.23 -14.30 9.65
C THR A 223 -1.58 -14.96 9.85
N ARG A 224 -2.07 -15.66 8.83
CA ARG A 224 -3.41 -16.22 8.85
C ARG A 224 -3.38 -17.59 8.18
N PRO A 225 -4.15 -18.57 8.68
CA PRO A 225 -4.25 -19.85 7.99
C PRO A 225 -4.37 -19.70 6.48
N ARG A 226 -3.47 -20.38 5.74
CA ARG A 226 -3.48 -20.28 4.28
C ARG A 226 -4.86 -20.58 3.72
N GLY A 227 -5.59 -21.49 4.33
CA GLY A 227 -6.94 -21.80 3.87
C GLY A 227 -7.88 -20.62 3.93
N MET A 228 -7.56 -19.59 4.71
CA MET A 228 -8.41 -18.42 4.87
C MET A 228 -7.76 -17.21 4.23
N THR A 229 -8.60 -16.36 3.63
CA THR A 229 -8.17 -15.11 3.01
C THR A 229 -8.99 -13.96 3.57
N ILE A 230 -8.31 -12.96 4.11
CA ILE A 230 -8.95 -11.72 4.53
C ILE A 230 -8.87 -10.75 3.35
N ARG A 231 -10.02 -10.42 2.79
CA ARG A 231 -10.07 -9.61 1.58
C ARG A 231 -10.05 -8.11 1.87
N ASP A 232 -10.60 -7.69 2.99
CA ASP A 232 -10.61 -6.27 3.34
C ASP A 232 -10.80 -6.11 4.84
N VAL A 233 -10.35 -4.97 5.36
CA VAL A 233 -10.48 -4.63 6.76
C VAL A 233 -10.84 -3.15 6.86
N LEU A 234 -12.02 -2.85 7.38
CA LEU A 234 -12.47 -1.47 7.56
C LEU A 234 -12.10 -1.01 8.96
N MET A 235 -11.15 -0.09 9.05
CA MET A 235 -10.70 0.48 10.32
C MET A 235 -10.71 1.99 10.20
N LEU A 236 -11.12 2.66 11.26
CA LEU A 236 -11.16 4.12 11.30
C LEU A 236 -10.97 4.59 12.73
N PRO A 237 -10.49 5.81 12.93
CA PRO A 237 -10.45 6.35 14.30
C PRO A 237 -11.84 6.39 14.90
N THR A 238 -11.95 5.88 16.14
CA THR A 238 -13.25 5.77 16.78
C THR A 238 -13.97 7.11 16.80
N ASN A 239 -13.23 8.21 16.97
CA ASN A 239 -13.80 9.55 17.06
C ASN A 239 -13.72 10.29 15.73
N PHE A 240 -13.94 9.59 14.63
CA PHE A 240 -13.98 10.18 13.30
C PHE A 240 -15.37 9.94 12.72
N ASP A 241 -16.03 11.01 12.29
CA ASP A 241 -17.43 10.96 11.87
C ASP A 241 -17.49 10.60 10.39
N LEU A 242 -17.72 9.32 10.10
CA LEU A 242 -17.94 8.86 8.72
C LEU A 242 -18.35 7.39 8.70
#